data_6BSD
#
_entry.id   6BSD
#
_cell.length_a   61.669
_cell.length_b   72.342
_cell.length_c   74.656
_cell.angle_alpha   90.00
_cell.angle_beta   90.00
_cell.angle_gamma   90.00
#
_symmetry.space_group_name_H-M   'P 21 21 21'
#
loop_
_entity.id
_entity.type
_entity.pdbx_description
1 polymer 'Epithelial discoidin domain-containing receptor 1'
2 non-polymer N-(2-CHLORO-6-METHYLPHENYL)-2-({6-[4-(2-HYDROXYETHYL)PIPERAZIN-1-YL]-2-METHYLPYRIMIDIN-4-YL}AMINO)-1,3-THIAZOLE-5-CARBOXAMIDE
3 water water
#
_entity_poly.entity_id   1
_entity_poly.type   'polypeptide(L)'
_entity_poly.pdbx_seq_one_letter_code
;QNSVPHYAEADIVTLQGVTGGNTYAVPALPPGAVGDGPPRVDFPRSRLRFKEKLGEGQFGEVHLCEVDSPQDLVSLDFPL
NVRKGHPLLVAVKILRPDATKNARNDFLKEVKIMSRLKDPNIIRLLGVCVQDDPLCMITDYMENGDLNQFLSAHQLEDKA
AEGAPGDGQAAQGPTISYPMLLHVAAQIASGMRYLATLNFVHRDLATRNCLVGENFTIKIADFGMSRNLYAGDYYRVQGR
AVLPIRWMAWECILMGKFTTASDVWAFGVTLWEVLMLCRAQPFGQLTDEQVIENAGEFFRDQGRQVYLSRPPACPQGLYE
LMLRCWSRESEQRPPFSQLHRFLAEDALNTV
;
_entity_poly.pdbx_strand_id   A
#
loop_
_chem_comp.id
_chem_comp.type
_chem_comp.name
_chem_comp.formula
1N1 non-polymer N-(2-CHLORO-6-METHYLPHENYL)-2-({6-[4-(2-HYDROXYETHYL)PIPERAZIN-1-YL]-2-METHYLPYRIMIDIN-4-YL}AMINO)-1,3-THIAZOLE-5-CARBOXAMIDE 'C22 H26 Cl N7 O2 S'
#
# COMPACT_ATOMS: atom_id res chain seq x y z
N ASP A 42 -15.44 6.14 23.41
CA ASP A 42 -14.86 4.82 23.66
C ASP A 42 -15.91 3.72 23.48
N PHE A 43 -15.71 2.88 22.47
CA PHE A 43 -16.76 2.01 21.97
C PHE A 43 -16.98 0.76 22.86
N PRO A 44 -18.25 0.33 23.02
CA PRO A 44 -18.59 -0.88 23.79
C PRO A 44 -18.48 -2.18 22.99
N ARG A 45 -17.56 -3.07 23.38
CA ARG A 45 -17.35 -4.33 22.67
C ARG A 45 -18.59 -5.23 22.74
N SER A 46 -19.59 -4.81 23.52
CA SER A 46 -20.81 -5.57 23.68
C SER A 46 -21.66 -5.54 22.41
N ARG A 47 -21.47 -4.50 21.61
CA ARG A 47 -22.30 -4.33 20.41
C ARG A 47 -21.64 -4.91 19.17
N LEU A 48 -20.58 -5.69 19.37
CA LEU A 48 -19.86 -6.30 18.26
C LEU A 48 -20.24 -7.76 18.09
N ARG A 49 -20.38 -8.18 16.83
CA ARG A 49 -20.68 -9.57 16.49
C ARG A 49 -19.69 -10.13 15.47
N PHE A 50 -18.72 -10.90 15.97
CA PHE A 50 -17.68 -11.46 15.12
C PHE A 50 -18.24 -12.46 14.11
N LYS A 51 -17.92 -12.27 12.82
CA LYS A 51 -18.57 -13.04 11.77
C LYS A 51 -17.58 -13.79 10.88
N GLU A 52 -16.52 -13.13 10.44
CA GLU A 52 -15.51 -13.75 9.56
C GLU A 52 -14.10 -13.32 9.97
N LYS A 53 -13.13 -14.20 9.80
CA LYS A 53 -11.75 -13.79 10.02
C LYS A 53 -11.11 -13.32 8.72
N LEU A 54 -10.59 -12.09 8.72
CA LEU A 54 -10.12 -11.47 7.50
C LEU A 54 -8.60 -11.59 7.31
N GLY A 55 -7.81 -11.56 8.38
CA GLY A 55 -6.38 -11.77 8.26
C GLY A 55 -5.58 -11.64 9.54
N GLU A 56 -4.32 -12.08 9.48
CA GLU A 56 -3.41 -12.05 10.64
C GLU A 56 -2.25 -11.08 10.43
N GLY A 57 -1.89 -10.34 11.48
CA GLY A 57 -0.70 -9.51 11.46
C GLY A 57 0.34 -10.05 12.42
N GLN A 58 1.33 -9.24 12.77
CA GLN A 58 2.37 -9.70 13.69
C GLN A 58 1.89 -9.67 15.14
N PHE A 59 0.96 -8.76 15.45
CA PHE A 59 0.43 -8.68 16.81
C PHE A 59 -1.10 -8.63 16.87
N GLY A 60 -1.76 -8.63 15.70
CA GLY A 60 -3.21 -8.61 15.65
C GLY A 60 -3.85 -9.51 14.60
N GLU A 61 -5.12 -9.85 14.79
CA GLU A 61 -5.89 -10.46 13.70
C GLU A 61 -7.15 -9.62 13.43
N VAL A 62 -7.55 -9.59 12.17
CA VAL A 62 -8.67 -8.74 11.76
C VAL A 62 -9.91 -9.58 11.46
N HIS A 63 -11.02 -9.18 12.07
CA HIS A 63 -12.30 -9.86 11.88
C HIS A 63 -13.36 -8.93 11.28
N LEU A 64 -14.30 -9.52 10.55
CA LEU A 64 -15.51 -8.81 10.16
C LEU A 64 -16.50 -8.88 11.33
N CYS A 65 -17.13 -7.75 11.64
CA CYS A 65 -18.14 -7.70 12.70
C CYS A 65 -19.38 -6.93 12.29
N GLU A 66 -20.53 -7.38 12.77
CA GLU A 66 -21.76 -6.58 12.64
C GLU A 66 -21.92 -5.74 13.89
N VAL A 67 -22.48 -4.54 13.71
CA VAL A 67 -22.82 -3.65 14.81
C VAL A 67 -24.33 -3.43 14.91
N ASP A 68 -24.93 -3.97 15.98
CA ASP A 68 -26.39 -3.97 16.21
C ASP A 68 -27.06 -2.58 16.13
N SER A 69 -26.34 -1.53 16.51
CA SER A 69 -26.83 -0.15 16.37
C SER A 69 -27.18 0.17 14.91
N PRO A 87 -27.52 -4.31 7.84
CA PRO A 87 -26.74 -4.20 9.08
C PRO A 87 -25.40 -3.50 8.85
N LEU A 88 -24.82 -2.90 9.89
CA LEU A 88 -23.57 -2.16 9.71
C LEU A 88 -22.32 -3.02 9.91
N LEU A 89 -21.53 -3.15 8.85
CA LEU A 89 -20.31 -3.96 8.89
C LEU A 89 -19.04 -3.12 9.15
N VAL A 90 -18.20 -3.59 10.06
CA VAL A 90 -16.94 -2.92 10.37
C VAL A 90 -15.79 -3.91 10.41
N ALA A 91 -14.58 -3.41 10.28
CA ALA A 91 -13.44 -4.28 10.49
C ALA A 91 -12.93 -4.03 11.89
N VAL A 92 -12.70 -5.11 12.62
CA VAL A 92 -12.15 -5.01 13.95
C VAL A 92 -10.86 -5.83 14.04
N LYS A 93 -9.79 -5.17 14.45
CA LYS A 93 -8.53 -5.85 14.70
C LYS A 93 -8.38 -6.04 16.20
N ILE A 94 -8.01 -7.25 16.59
CA ILE A 94 -7.81 -7.57 17.99
C ILE A 94 -6.44 -8.20 18.14
N LEU A 95 -5.99 -8.39 19.38
CA LEU A 95 -4.72 -9.09 19.64
C LEU A 95 -4.80 -10.54 19.15
N ARG A 96 -3.69 -11.08 18.64
CA ARG A 96 -3.65 -12.50 18.34
C ARG A 96 -3.76 -13.32 19.64
N PRO A 97 -4.16 -14.59 19.53
CA PRO A 97 -4.31 -15.47 20.69
C PRO A 97 -2.99 -15.75 21.43
N ASP A 98 -1.88 -15.63 20.71
CA ASP A 98 -0.56 -15.84 21.30
C ASP A 98 0.13 -14.55 21.73
N ALA A 99 -0.63 -13.46 21.83
CA ALA A 99 -0.04 -12.16 22.14
C ALA A 99 0.73 -12.17 23.45
N THR A 100 2.01 -11.87 23.33
CA THR A 100 2.83 -11.51 24.49
C THR A 100 2.56 -10.04 24.86
N LYS A 101 3.27 -9.52 25.85
CA LYS A 101 3.02 -8.16 26.28
C LYS A 101 3.80 -7.19 25.36
N ASN A 102 4.74 -7.72 24.58
CA ASN A 102 5.36 -6.95 23.51
C ASN A 102 4.35 -6.61 22.42
N ALA A 103 3.40 -7.53 22.21
CA ALA A 103 2.38 -7.35 21.18
C ALA A 103 1.38 -6.29 21.64
N ARG A 104 1.01 -6.38 22.90
CA ARG A 104 0.09 -5.43 23.50
C ARG A 104 0.57 -3.99 23.32
N ASN A 105 1.86 -3.76 23.60
CA ASN A 105 2.47 -2.45 23.41
C ASN A 105 2.41 -1.99 21.93
N ASP A 106 2.76 -2.88 21.02
CA ASP A 106 2.77 -2.52 19.62
C ASP A 106 1.34 -2.23 19.16
N PHE A 107 0.37 -2.84 19.84
CA PHE A 107 -1.03 -2.59 19.56
C PHE A 107 -1.43 -1.17 19.97
N LEU A 108 -1.20 -0.84 21.23
CA LEU A 108 -1.52 0.47 21.79
C LEU A 108 -0.79 1.59 21.07
N LYS A 109 0.40 1.29 20.55
CA LYS A 109 1.15 2.26 19.77
C LYS A 109 0.51 2.47 18.40
N GLU A 110 0.02 1.40 17.78
CA GLU A 110 -0.67 1.51 16.49
C GLU A 110 -1.91 2.40 16.61
N VAL A 111 -2.66 2.25 17.69
CA VAL A 111 -3.78 3.14 17.99
C VAL A 111 -3.33 4.60 17.96
N LYS A 112 -2.25 4.88 18.69
CA LYS A 112 -1.71 6.24 18.79
C LYS A 112 -1.43 6.77 17.39
N ILE A 113 -0.68 5.98 16.63
CA ILE A 113 -0.31 6.36 15.28
C ILE A 113 -1.54 6.54 14.41
N MET A 114 -2.45 5.56 14.43
CA MET A 114 -3.60 5.55 13.53
C MET A 114 -4.57 6.71 13.78
N SER A 115 -4.67 7.13 15.05
CA SER A 115 -5.60 8.18 15.44
C SER A 115 -5.22 9.52 14.80
N ARG A 116 -3.98 9.63 14.34
CA ARG A 116 -3.55 10.79 13.57
C ARG A 116 -4.26 10.87 12.24
N LEU A 117 -4.53 9.71 11.65
CA LEU A 117 -4.76 9.62 10.22
C LEU A 117 -6.22 9.88 9.84
N LYS A 118 -6.43 11.04 9.20
CA LYS A 118 -7.76 11.48 8.82
C LYS A 118 -7.81 12.01 7.37
N ASP A 119 -8.07 11.11 6.43
CA ASP A 119 -8.11 11.44 5.00
C ASP A 119 -8.99 10.43 4.26
N PRO A 120 -9.70 10.86 3.21
CA PRO A 120 -10.59 9.93 2.50
C PRO A 120 -9.87 8.73 1.87
N ASN A 121 -8.56 8.81 1.67
CA ASN A 121 -7.88 7.69 1.04
C ASN A 121 -6.83 7.09 1.96
N ILE A 122 -7.01 7.33 3.26
CA ILE A 122 -6.26 6.63 4.27
C ILE A 122 -7.25 5.93 5.20
N ILE A 123 -6.99 4.67 5.50
CA ILE A 123 -7.78 3.95 6.49
C ILE A 123 -7.98 4.84 7.74
N ARG A 124 -9.22 4.90 8.21
CA ARG A 124 -9.55 5.75 9.33
C ARG A 124 -9.90 4.90 10.57
N LEU A 125 -9.54 5.40 11.74
CA LEU A 125 -9.88 4.75 13.00
C LEU A 125 -11.24 5.23 13.48
N LEU A 126 -12.24 4.36 13.45
CA LEU A 126 -13.60 4.78 13.78
C LEU A 126 -13.83 4.71 15.29
N GLY A 127 -13.07 3.84 15.96
CA GLY A 127 -13.23 3.65 17.38
C GLY A 127 -12.25 2.68 18.01
N VAL A 128 -12.10 2.79 19.33
CA VAL A 128 -11.28 1.88 20.11
C VAL A 128 -12.02 1.37 21.35
N CYS A 129 -11.84 0.08 21.65
CA CYS A 129 -12.05 -0.44 23.01
C CYS A 129 -10.67 -0.63 23.61
N VAL A 130 -10.19 0.38 24.34
CA VAL A 130 -8.83 0.34 24.92
C VAL A 130 -8.86 0.40 26.45
N GLN A 131 -9.91 1.03 27.00
CA GLN A 131 -10.04 1.17 28.45
C GLN A 131 -9.88 -0.21 29.12
N ASP A 132 -10.70 -1.19 28.75
CA ASP A 132 -10.50 -2.54 29.26
C ASP A 132 -10.49 -3.63 28.21
N ASP A 133 -9.70 -4.67 28.49
CA ASP A 133 -9.57 -5.86 27.65
C ASP A 133 -10.96 -6.46 27.36
N PRO A 134 -11.14 -7.06 26.17
CA PRO A 134 -10.09 -7.16 25.16
C PRO A 134 -9.92 -5.85 24.41
N LEU A 135 -8.69 -5.60 24.02
CA LEU A 135 -8.38 -4.44 23.19
C LEU A 135 -8.89 -4.65 21.78
N CYS A 136 -9.42 -3.60 21.17
CA CYS A 136 -9.73 -3.68 19.76
C CYS A 136 -9.65 -2.33 19.04
N MET A 137 -9.47 -2.44 17.73
CA MET A 137 -9.40 -1.32 16.80
C MET A 137 -10.52 -1.49 15.80
N ILE A 138 -11.20 -0.39 15.49
CA ILE A 138 -12.32 -0.43 14.57
C ILE A 138 -12.09 0.49 13.39
N THR A 139 -12.15 -0.05 12.18
CA THR A 139 -12.16 0.78 10.97
C THR A 139 -13.41 0.50 10.15
N ASP A 140 -13.55 1.23 9.04
CA ASP A 140 -14.52 0.85 8.02
C ASP A 140 -14.22 -0.55 7.52
N TYR A 141 -15.23 -1.28 7.06
CA TYR A 141 -14.95 -2.57 6.46
C TYR A 141 -14.92 -2.43 4.95
N MET A 142 -13.75 -2.67 4.36
CA MET A 142 -13.56 -2.51 2.94
C MET A 142 -13.95 -3.79 2.25
N GLU A 143 -15.13 -3.78 1.64
CA GLU A 143 -15.80 -5.02 1.27
C GLU A 143 -15.11 -5.78 0.15
N ASN A 144 -14.20 -5.13 -0.58
CA ASN A 144 -13.54 -5.77 -1.72
C ASN A 144 -12.08 -6.18 -1.48
N GLY A 145 -11.66 -6.23 -0.22
CA GLY A 145 -10.33 -6.72 0.10
C GLY A 145 -9.21 -5.87 -0.42
N ASP A 146 -7.99 -6.43 -0.47
CA ASP A 146 -6.84 -5.63 -0.87
C ASP A 146 -6.76 -5.49 -2.38
N LEU A 147 -6.08 -4.43 -2.81
CA LEU A 147 -6.08 -4.02 -4.19
C LEU A 147 -5.34 -5.01 -5.08
N ASN A 148 -4.32 -5.68 -4.54
CA ASN A 148 -3.59 -6.65 -5.35
C ASN A 148 -4.48 -7.82 -5.74
N GLN A 149 -5.01 -8.50 -4.74
CA GLN A 149 -6.06 -9.49 -4.92
C GLN A 149 -7.13 -8.98 -5.91
N PHE A 150 -7.80 -7.89 -5.54
CA PHE A 150 -8.87 -7.27 -6.35
C PHE A 150 -8.52 -7.12 -7.83
N LEU A 151 -7.46 -6.38 -8.13
CA LEU A 151 -7.06 -6.12 -9.50
C LEU A 151 -6.72 -7.40 -10.26
N SER A 152 -6.14 -8.38 -9.55
CA SER A 152 -5.76 -9.65 -10.18
C SER A 152 -6.98 -10.36 -10.77
N ALA A 153 -8.15 -10.05 -10.22
CA ALA A 153 -9.41 -10.68 -10.61
C ALA A 153 -10.05 -9.98 -11.81
N HIS A 154 -9.39 -8.94 -12.32
CA HIS A 154 -9.94 -8.14 -13.43
C HIS A 154 -9.06 -8.20 -14.67
N GLN A 155 -9.64 -7.79 -15.79
CA GLN A 155 -8.92 -7.68 -17.05
C GLN A 155 -9.16 -6.31 -17.63
N LEU A 156 -8.18 -5.77 -18.34
CA LEU A 156 -8.39 -4.46 -18.95
C LEU A 156 -9.58 -4.54 -19.90
N GLU A 157 -10.44 -3.54 -19.83
CA GLU A 157 -11.60 -3.40 -20.71
C GLU A 157 -11.22 -3.41 -22.21
N ASP A 158 -11.93 -4.21 -23.00
CA ASP A 158 -11.66 -4.28 -24.45
C ASP A 158 -12.56 -3.37 -25.28
N LYS A 159 -11.94 -2.43 -26.01
CA LYS A 159 -12.67 -1.48 -26.86
C LYS A 159 -13.72 -2.15 -27.75
N ALA A 160 -13.31 -3.18 -28.49
CA ALA A 160 -14.20 -3.95 -29.34
C ALA A 160 -15.38 -4.51 -28.54
N GLY A 173 -14.44 -13.08 -17.51
CA GLY A 173 -14.03 -12.44 -16.27
C GLY A 173 -14.31 -10.94 -16.22
N PRO A 174 -14.56 -10.40 -15.01
CA PRO A 174 -14.85 -9.00 -14.67
C PRO A 174 -13.85 -8.01 -15.27
N THR A 175 -14.31 -6.86 -15.74
CA THR A 175 -13.40 -5.93 -16.40
C THR A 175 -13.22 -4.61 -15.64
N ILE A 176 -12.26 -3.82 -16.06
CA ILE A 176 -12.01 -2.49 -15.48
C ILE A 176 -11.41 -1.60 -16.56
N SER A 177 -11.74 -0.32 -16.53
CA SER A 177 -11.30 0.57 -17.60
C SER A 177 -10.00 1.29 -17.28
N TYR A 178 -9.31 1.72 -18.32
CA TYR A 178 -8.10 2.50 -18.17
C TYR A 178 -8.34 3.81 -17.37
N PRO A 179 -9.46 4.51 -17.62
CA PRO A 179 -9.59 5.69 -16.76
C PRO A 179 -9.92 5.30 -15.33
N MET A 180 -10.43 4.09 -15.13
CA MET A 180 -10.66 3.65 -13.76
C MET A 180 -9.33 3.32 -13.06
N LEU A 181 -8.38 2.79 -13.82
CA LEU A 181 -7.05 2.50 -13.29
C LEU A 181 -6.39 3.80 -12.83
N LEU A 182 -6.54 4.86 -13.63
CA LEU A 182 -6.07 6.19 -13.23
C LEU A 182 -6.74 6.65 -11.94
N HIS A 183 -8.05 6.43 -11.81
CA HIS A 183 -8.77 6.92 -10.65
C HIS A 183 -8.28 6.18 -9.39
N VAL A 184 -8.01 4.89 -9.56
CA VAL A 184 -7.46 4.07 -8.50
C VAL A 184 -6.08 4.61 -8.10
N ALA A 185 -5.29 4.99 -9.09
CA ALA A 185 -3.93 5.45 -8.84
C ALA A 185 -3.94 6.85 -8.24
N ALA A 186 -4.86 7.68 -8.72
CA ALA A 186 -5.04 9.03 -8.21
C ALA A 186 -5.38 9.01 -6.72
N GLN A 187 -6.30 8.13 -6.34
CA GLN A 187 -6.70 8.04 -4.95
C GLN A 187 -5.54 7.66 -4.04
N ILE A 188 -4.65 6.80 -4.54
CA ILE A 188 -3.47 6.44 -3.75
C ILE A 188 -2.58 7.67 -3.61
N ALA A 189 -2.43 8.41 -4.71
CA ALA A 189 -1.60 9.61 -4.74
C ALA A 189 -2.11 10.65 -3.75
N SER A 190 -3.42 10.90 -3.78
CA SER A 190 -4.06 11.86 -2.89
C SER A 190 -3.83 11.46 -1.43
N GLY A 191 -3.92 10.16 -1.14
CA GLY A 191 -3.65 9.65 0.18
C GLY A 191 -2.22 9.93 0.61
N MET A 192 -1.29 9.68 -0.31
CA MET A 192 0.13 9.89 -0.01
C MET A 192 0.46 11.38 0.05
N ARG A 193 -0.25 12.17 -0.74
CA ARG A 193 -0.13 13.62 -0.65
C ARG A 193 -0.48 14.02 0.79
N TYR A 194 -1.52 13.41 1.33
CA TYR A 194 -1.91 13.70 2.70
C TYR A 194 -0.83 13.28 3.70
N LEU A 195 -0.29 12.07 3.56
CA LEU A 195 0.72 11.61 4.51
C LEU A 195 1.99 12.46 4.45
N ALA A 196 2.29 12.99 3.26
CA ALA A 196 3.43 13.89 3.10
C ALA A 196 3.27 15.13 3.99
N THR A 197 2.09 15.75 3.97
CA THR A 197 1.82 16.93 4.79
C THR A 197 2.02 16.64 6.30
N LEU A 198 1.96 15.38 6.70
CA LEU A 198 2.24 15.01 8.10
C LEU A 198 3.70 14.58 8.32
N ASN A 199 4.54 14.74 7.29
CA ASN A 199 5.90 14.18 7.27
C ASN A 199 5.88 12.74 7.75
N PHE A 200 4.85 12.04 7.31
CA PHE A 200 4.65 10.64 7.62
C PHE A 200 5.19 9.82 6.45
N VAL A 201 6.16 8.97 6.72
CA VAL A 201 6.76 8.17 5.68
C VAL A 201 6.16 6.78 5.80
N HIS A 202 5.45 6.32 4.79
CA HIS A 202 4.77 5.02 4.89
C HIS A 202 5.73 3.83 5.10
N ARG A 203 6.69 3.67 4.17
CA ARG A 203 7.73 2.61 4.17
C ARG A 203 7.33 1.25 3.58
N ASP A 204 6.07 1.08 3.20
CA ASP A 204 5.69 -0.19 2.58
C ASP A 204 4.45 -0.03 1.70
N LEU A 205 4.50 0.98 0.84
CA LEU A 205 3.41 1.23 -0.06
C LEU A 205 3.48 0.23 -1.19
N ALA A 206 2.37 -0.48 -1.40
CA ALA A 206 2.21 -1.47 -2.48
C ALA A 206 0.74 -1.76 -2.56
N THR A 207 0.29 -2.23 -3.73
CA THR A 207 -1.14 -2.59 -3.89
C THR A 207 -1.66 -3.54 -2.80
N ARG A 208 -0.82 -4.49 -2.37
CA ARG A 208 -1.17 -5.43 -1.31
C ARG A 208 -1.53 -4.75 0.03
N ASN A 209 -1.11 -3.49 0.21
CA ASN A 209 -1.42 -2.77 1.46
C ASN A 209 -2.44 -1.67 1.25
N CYS A 210 -3.09 -1.71 0.10
CA CYS A 210 -4.22 -0.83 -0.21
C CYS A 210 -5.54 -1.59 -0.09
N LEU A 211 -6.52 -0.99 0.56
CA LEU A 211 -7.82 -1.63 0.70
C LEU A 211 -8.78 -1.07 -0.32
N VAL A 212 -9.78 -1.86 -0.69
CA VAL A 212 -10.77 -1.47 -1.71
C VAL A 212 -12.20 -1.61 -1.16
N GLY A 213 -12.95 -0.51 -1.21
CA GLY A 213 -14.34 -0.51 -0.75
C GLY A 213 -15.32 -0.54 -1.91
N GLU A 214 -16.50 0.05 -1.72
CA GLU A 214 -17.48 0.11 -2.80
C GLU A 214 -17.22 1.31 -3.71
N ASN A 215 -17.61 1.18 -4.98
CA ASN A 215 -17.36 2.21 -5.98
C ASN A 215 -15.87 2.56 -6.12
N PHE A 216 -15.04 1.52 -6.21
CA PHE A 216 -13.62 1.66 -6.46
C PHE A 216 -12.90 2.67 -5.54
N THR A 217 -13.44 2.86 -4.35
CA THR A 217 -12.79 3.63 -3.29
C THR A 217 -11.52 2.96 -2.80
N ILE A 218 -10.45 3.74 -2.62
CA ILE A 218 -9.20 3.19 -2.11
C ILE A 218 -8.80 3.82 -0.77
N LYS A 219 -8.38 2.98 0.17
CA LYS A 219 -7.69 3.44 1.37
C LYS A 219 -6.35 2.75 1.51
N ILE A 220 -5.31 3.54 1.72
CA ILE A 220 -4.00 3.00 2.05
C ILE A 220 -4.00 2.50 3.51
N ALA A 221 -3.51 1.28 3.74
CA ALA A 221 -3.44 0.78 5.11
C ALA A 221 -2.12 1.21 5.74
N ASP A 222 -2.09 1.29 7.07
CA ASP A 222 -0.87 1.67 7.78
C ASP A 222 0.27 0.65 7.59
N PHE A 223 -0.07 -0.61 7.30
CA PHE A 223 0.90 -1.69 6.97
C PHE A 223 0.19 -3.04 6.81
N GLY A 224 0.92 -4.04 6.34
CA GLY A 224 0.45 -5.42 6.34
C GLY A 224 -0.87 -5.66 5.63
N ARG A 227 -0.78 -12.32 5.32
CA ARG A 227 0.59 -12.00 5.72
C ARG A 227 1.53 -13.05 5.14
N ASN A 228 0.96 -14.00 4.41
CA ASN A 228 1.76 -15.08 3.85
C ASN A 228 1.51 -15.21 2.36
N LEU A 229 0.39 -14.68 1.90
CA LEU A 229 0.12 -14.60 0.47
C LEU A 229 1.24 -13.82 -0.22
N TYR A 230 1.74 -12.80 0.47
CA TYR A 230 2.75 -11.91 -0.11
C TYR A 230 4.14 -12.04 0.51
N ALA A 231 4.44 -13.20 1.11
CA ALA A 231 5.75 -13.45 1.69
C ALA A 231 6.92 -13.22 0.71
N GLY A 232 6.74 -13.59 -0.54
CA GLY A 232 7.75 -13.33 -1.54
C GLY A 232 8.04 -11.86 -1.89
N ASP A 233 7.28 -10.91 -1.34
CA ASP A 233 7.54 -9.49 -1.64
C ASP A 233 8.53 -8.89 -0.62
N TYR A 234 8.99 -9.70 0.32
CA TYR A 234 9.89 -9.23 1.36
C TYR A 234 11.20 -9.99 1.37
N TYR A 235 12.28 -9.27 1.62
CA TYR A 235 13.60 -9.86 1.77
C TYR A 235 13.85 -10.08 3.26
N ARG A 236 14.21 -11.30 3.63
CA ARG A 236 14.36 -11.68 5.03
C ARG A 236 15.77 -12.16 5.32
N VAL A 237 16.42 -11.51 6.27
CA VAL A 237 17.69 -11.95 6.79
C VAL A 237 17.56 -11.94 8.30
N GLN A 238 17.96 -13.02 8.93
CA GLN A 238 17.79 -13.18 10.36
C GLN A 238 18.35 -11.97 11.11
N GLY A 239 17.58 -11.46 12.06
CA GLY A 239 17.97 -10.31 12.85
C GLY A 239 17.89 -8.97 12.12
N ARG A 240 17.40 -8.97 10.89
CA ARG A 240 17.22 -7.73 10.14
C ARG A 240 15.75 -7.42 9.94
N ALA A 241 15.45 -6.16 9.67
CA ALA A 241 14.09 -5.76 9.31
C ALA A 241 13.68 -6.50 8.03
N VAL A 242 12.45 -6.98 8.04
CA VAL A 242 11.85 -7.55 6.84
C VAL A 242 11.62 -6.45 5.79
N LEU A 243 12.30 -6.54 4.66
CA LEU A 243 12.33 -5.45 3.69
C LEU A 243 11.69 -5.76 2.31
N PRO A 244 10.75 -4.90 1.87
CA PRO A 244 10.12 -5.03 0.55
C PRO A 244 11.01 -4.44 -0.56
N ILE A 245 12.14 -5.10 -0.82
CA ILE A 245 13.21 -4.50 -1.59
C ILE A 245 12.80 -4.12 -3.01
N ARG A 246 11.86 -4.87 -3.59
CA ARG A 246 11.38 -4.61 -4.95
C ARG A 246 10.61 -3.29 -5.08
N TRP A 247 10.11 -2.76 -3.96
CA TRP A 247 9.38 -1.49 -3.97
C TRP A 247 10.25 -0.34 -3.45
N MET A 248 11.47 -0.69 -3.04
CA MET A 248 12.35 0.25 -2.33
C MET A 248 13.35 0.99 -3.25
N ALA A 249 13.47 2.30 -3.04
CA ALA A 249 14.43 3.12 -3.77
C ALA A 249 15.82 2.71 -3.40
N TRP A 250 16.76 2.98 -4.31
CA TRP A 250 18.13 2.50 -4.16
C TRP A 250 18.77 2.97 -2.85
N GLU A 251 18.51 4.22 -2.45
CA GLU A 251 19.08 4.76 -1.21
C GLU A 251 18.53 4.05 0.02
N CYS A 252 17.32 3.50 -0.07
CA CYS A 252 16.76 2.73 1.04
C CYS A 252 17.47 1.40 1.16
N ILE A 253 17.74 0.78 0.01
CA ILE A 253 18.40 -0.52 -0.02
C ILE A 253 19.84 -0.38 0.44
N LEU A 254 20.50 0.67 -0.05
CA LEU A 254 21.91 0.88 0.21
C LEU A 254 22.22 1.57 1.52
N MET A 255 21.35 2.48 1.97
CA MET A 255 21.71 3.33 3.10
C MET A 255 20.65 3.35 4.20
N GLY A 256 19.55 2.62 3.98
CA GLY A 256 18.50 2.51 4.97
C GLY A 256 17.71 3.81 5.08
N LYS A 257 17.95 4.70 4.14
CA LYS A 257 17.34 6.02 4.17
C LYS A 257 15.89 6.00 3.68
N PHE A 258 14.92 6.19 4.59
CA PHE A 258 13.52 6.25 4.21
C PHE A 258 12.91 7.64 4.36
N THR A 259 12.39 8.18 3.27
CA THR A 259 11.89 9.53 3.20
C THR A 259 10.61 9.59 2.39
N THR A 260 9.98 10.75 2.35
CA THR A 260 8.87 10.92 1.45
C THR A 260 9.36 10.66 0.00
N ALA A 261 10.64 10.92 -0.28
CA ALA A 261 11.16 10.77 -1.65
C ALA A 261 11.22 9.31 -2.07
N SER A 262 11.44 8.43 -1.09
CA SER A 262 11.41 7.01 -1.36
C SER A 262 9.98 6.44 -1.36
N ASP A 263 9.07 7.06 -0.59
CA ASP A 263 7.64 6.76 -0.73
C ASP A 263 7.20 7.06 -2.18
N VAL A 264 7.70 8.16 -2.74
CA VAL A 264 7.46 8.49 -4.14
C VAL A 264 7.95 7.38 -5.12
N TRP A 265 9.12 6.81 -4.86
CA TRP A 265 9.68 5.72 -5.67
C TRP A 265 8.79 4.47 -5.57
N ALA A 266 8.39 4.12 -4.35
CA ALA A 266 7.47 3.00 -4.17
C ALA A 266 6.12 3.32 -4.79
N PHE A 267 5.75 4.59 -4.92
CA PHE A 267 4.48 4.85 -5.55
C PHE A 267 4.59 4.55 -7.06
N GLY A 268 5.77 4.79 -7.63
CA GLY A 268 6.01 4.52 -9.03
C GLY A 268 5.86 3.03 -9.29
N VAL A 269 6.42 2.23 -8.39
CA VAL A 269 6.24 0.78 -8.47
C VAL A 269 4.77 0.32 -8.28
N THR A 270 4.09 0.92 -7.29
CA THR A 270 2.67 0.70 -7.06
C THR A 270 1.81 1.08 -8.28
N LEU A 271 2.13 2.21 -8.93
CA LEU A 271 1.44 2.62 -10.16
C LEU A 271 1.73 1.61 -11.27
N TRP A 272 2.93 1.05 -11.25
CA TRP A 272 3.31 0.03 -12.22
C TRP A 272 2.46 -1.21 -11.98
N GLU A 273 2.23 -1.56 -10.72
CA GLU A 273 1.39 -2.71 -10.37
C GLU A 273 -0.01 -2.54 -10.88
N VAL A 274 -0.55 -1.35 -10.63
CA VAL A 274 -1.92 -1.03 -11.01
C VAL A 274 -2.08 -1.15 -12.54
N LEU A 275 -1.09 -0.67 -13.28
CA LEU A 275 -1.11 -0.74 -14.74
C LEU A 275 -0.89 -2.17 -15.28
N MET A 276 -0.11 -2.96 -14.54
CA MET A 276 0.09 -4.38 -14.85
C MET A 276 -1.14 -5.18 -14.47
N LEU A 277 -2.09 -4.49 -13.83
CA LEU A 277 -3.17 -5.15 -13.13
C LEU A 277 -2.64 -6.31 -12.27
N CYS A 278 -1.52 -6.05 -11.57
CA CYS A 278 -0.92 -7.00 -10.61
C CYS A 278 -0.67 -8.38 -11.16
N ARG A 279 -0.38 -8.45 -12.44
CA ARG A 279 -0.18 -9.73 -13.12
C ARG A 279 1.26 -10.24 -12.95
N ALA A 280 2.14 -9.40 -12.40
CA ALA A 280 3.54 -9.80 -12.21
C ALA A 280 4.20 -9.00 -11.09
N GLN A 281 5.00 -9.72 -10.29
CA GLN A 281 5.85 -9.12 -9.31
C GLN A 281 6.91 -8.28 -9.99
N PRO A 282 7.19 -7.08 -9.44
CA PRO A 282 8.28 -6.21 -9.88
C PRO A 282 9.61 -6.94 -9.96
N PHE A 283 10.24 -6.92 -11.14
CA PHE A 283 11.54 -7.55 -11.36
C PHE A 283 11.42 -9.03 -11.13
N GLY A 284 10.22 -9.53 -11.43
CA GLY A 284 9.81 -10.85 -11.01
C GLY A 284 10.69 -11.99 -11.45
N GLN A 285 11.57 -11.75 -12.43
CA GLN A 285 12.46 -12.81 -12.90
C GLN A 285 13.91 -12.54 -12.50
N LEU A 286 14.10 -11.47 -11.75
CA LEU A 286 15.38 -11.24 -11.11
C LEU A 286 15.34 -11.84 -9.70
N THR A 287 16.49 -12.26 -9.19
CA THR A 287 16.54 -12.74 -7.80
C THR A 287 16.55 -11.55 -6.85
N ASP A 288 16.33 -11.82 -5.57
CA ASP A 288 16.46 -10.79 -4.56
C ASP A 288 17.85 -10.16 -4.66
N GLU A 289 18.83 -11.04 -4.81
CA GLU A 289 20.22 -10.61 -4.85
C GLU A 289 20.47 -9.66 -6.02
N GLN A 290 19.81 -9.89 -7.14
CA GLN A 290 20.01 -9.05 -8.34
C GLN A 290 19.30 -7.71 -8.20
N VAL A 291 18.17 -7.72 -7.53
CA VAL A 291 17.45 -6.50 -7.19
C VAL A 291 18.36 -5.60 -6.32
N ILE A 292 19.03 -6.21 -5.35
CA ILE A 292 19.97 -5.49 -4.48
C ILE A 292 21.19 -5.00 -5.26
N GLU A 293 21.67 -5.79 -6.21
CA GLU A 293 22.73 -5.32 -7.09
C GLU A 293 22.28 -4.17 -7.99
N ASN A 294 21.01 -4.22 -8.43
CA ASN A 294 20.48 -3.18 -9.30
C ASN A 294 20.46 -1.85 -8.58
N ALA A 295 20.24 -1.90 -7.26
CA ALA A 295 20.28 -0.71 -6.42
C ALA A 295 21.68 -0.07 -6.50
N GLY A 296 22.70 -0.87 -6.23
CA GLY A 296 24.08 -0.43 -6.35
C GLY A 296 24.44 0.13 -7.70
N GLU A 297 23.74 -0.31 -8.74
CA GLU A 297 23.98 0.23 -10.06
C GLU A 297 23.30 1.58 -10.30
N PHE A 298 22.22 1.88 -9.58
CA PHE A 298 21.70 3.26 -9.53
C PHE A 298 22.75 4.14 -8.86
N PHE A 299 23.34 3.62 -7.78
CA PHE A 299 24.36 4.36 -7.07
C PHE A 299 25.60 4.66 -7.92
N ARG A 300 26.09 3.66 -8.64
CA ARG A 300 27.33 3.85 -9.40
C ARG A 300 27.08 4.69 -10.65
N ASP A 301 25.81 4.81 -11.03
CA ASP A 301 25.34 5.77 -12.04
C ASP A 301 25.95 5.61 -13.44
N GLN A 302 26.56 4.46 -13.70
CA GLN A 302 27.21 4.20 -15.00
C GLN A 302 26.25 3.67 -16.06
N GLY A 303 24.97 3.97 -15.90
CA GLY A 303 23.94 3.59 -16.86
C GLY A 303 23.63 2.11 -17.00
N ARG A 304 24.10 1.28 -16.07
CA ARG A 304 23.84 -0.16 -16.18
C ARG A 304 22.53 -0.56 -15.45
N GLN A 305 21.91 0.37 -14.72
CA GLN A 305 20.73 0.04 -13.94
C GLN A 305 19.54 -0.38 -14.82
N VAL A 306 18.66 -1.22 -14.31
CA VAL A 306 17.47 -1.58 -15.07
C VAL A 306 16.16 -1.17 -14.37
N TYR A 307 15.13 -0.95 -15.18
CA TYR A 307 13.83 -0.45 -14.71
C TYR A 307 12.70 -1.41 -15.05
N LEU A 308 11.59 -1.30 -14.32
CA LEU A 308 10.36 -1.96 -14.70
C LEU A 308 9.95 -1.52 -16.11
N SER A 309 9.48 -2.48 -16.91
CA SER A 309 9.06 -2.17 -18.27
C SER A 309 7.70 -1.53 -18.29
N ARG A 310 7.37 -0.89 -19.40
CA ARG A 310 6.07 -0.29 -19.55
C ARG A 310 4.99 -1.36 -19.72
N PRO A 311 3.97 -1.36 -18.85
CA PRO A 311 2.85 -2.29 -18.93
C PRO A 311 2.05 -2.13 -20.22
N PRO A 312 1.41 -3.22 -20.68
CA PRO A 312 0.54 -3.18 -21.87
C PRO A 312 -0.49 -2.06 -21.83
N ALA A 313 -1.15 -1.86 -20.69
CA ALA A 313 -2.21 -0.85 -20.59
C ALA A 313 -1.67 0.56 -20.42
N CYS A 314 -0.34 0.70 -20.34
CA CYS A 314 0.25 1.99 -19.99
C CYS A 314 0.77 2.76 -21.20
N PRO A 315 0.17 3.93 -21.48
CA PRO A 315 0.68 4.85 -22.49
C PRO A 315 2.06 5.39 -22.12
N GLN A 316 2.83 5.80 -23.12
CA GLN A 316 4.19 6.25 -22.90
C GLN A 316 4.28 7.48 -21.99
N GLY A 317 3.27 8.34 -22.08
CA GLY A 317 3.22 9.50 -21.21
C GLY A 317 3.19 9.12 -19.74
N LEU A 318 2.34 8.15 -19.41
CA LEU A 318 2.16 7.71 -18.03
C LEU A 318 3.41 7.00 -17.55
N TYR A 319 4.04 6.28 -18.48
CA TYR A 319 5.25 5.54 -18.19
C TYR A 319 6.43 6.47 -17.85
N GLU A 320 6.50 7.62 -18.52
CA GLU A 320 7.60 8.53 -18.26
C GLU A 320 7.42 9.20 -16.90
N LEU A 321 6.17 9.40 -16.51
CA LEU A 321 5.86 9.82 -15.15
C LEU A 321 6.39 8.78 -14.15
N MET A 322 6.13 7.50 -14.44
CA MET A 322 6.66 6.39 -13.64
C MET A 322 8.17 6.46 -13.53
N LEU A 323 8.84 6.67 -14.66
CA LEU A 323 10.29 6.76 -14.66
C LEU A 323 10.82 7.95 -13.84
N ARG A 324 10.10 9.08 -13.84
CA ARG A 324 10.49 10.21 -13.02
C ARG A 324 10.49 9.81 -11.54
N CYS A 325 9.62 8.87 -11.16
CA CYS A 325 9.54 8.42 -9.76
C CYS A 325 10.79 7.64 -9.38
N TRP A 326 11.55 7.21 -10.38
CA TRP A 326 12.74 6.40 -10.14
C TRP A 326 14.00 7.16 -10.56
N SER A 327 13.96 8.49 -10.45
CA SER A 327 15.17 9.30 -10.59
C SER A 327 16.14 8.95 -9.48
N ARG A 328 17.42 8.89 -9.82
CA ARG A 328 18.46 8.60 -8.84
C ARG A 328 18.46 9.63 -7.73
N GLU A 329 18.25 10.89 -8.10
CA GLU A 329 18.25 11.97 -7.12
C GLU A 329 16.86 12.17 -6.55
N SER A 330 16.72 12.04 -5.24
CA SER A 330 15.44 12.29 -4.55
C SER A 330 14.72 13.56 -5.01
N GLU A 331 15.47 14.64 -5.21
CA GLU A 331 14.90 15.93 -5.58
C GLU A 331 14.17 15.90 -6.92
N GLN A 332 14.63 15.08 -7.85
CA GLN A 332 14.09 15.08 -9.21
C GLN A 332 12.85 14.19 -9.32
N ARG A 333 12.54 13.46 -8.26
CA ARG A 333 11.30 12.72 -8.21
C ARG A 333 10.15 13.70 -7.98
N PRO A 334 9.01 13.47 -8.65
CA PRO A 334 7.84 14.33 -8.51
C PRO A 334 7.30 14.33 -7.10
N PRO A 335 6.71 15.44 -6.63
CA PRO A 335 5.95 15.38 -5.37
C PRO A 335 4.54 14.82 -5.62
N PHE A 336 3.89 14.33 -4.57
CA PHE A 336 2.61 13.64 -4.77
C PHE A 336 1.52 14.54 -5.32
N SER A 337 1.58 15.83 -5.01
CA SER A 337 0.63 16.78 -5.58
C SER A 337 0.68 16.74 -7.09
N GLN A 338 1.87 16.69 -7.65
CA GLN A 338 2.04 16.65 -9.10
C GLN A 338 1.60 15.28 -9.63
N LEU A 339 1.93 14.23 -8.88
CA LEU A 339 1.52 12.89 -9.28
C LEU A 339 -0.01 12.84 -9.34
N HIS A 340 -0.66 13.43 -8.33
CA HIS A 340 -2.10 13.48 -8.31
C HIS A 340 -2.65 14.25 -9.50
N ARG A 341 -2.15 15.47 -9.69
CA ARG A 341 -2.57 16.32 -10.79
C ARG A 341 -2.51 15.61 -12.13
N PHE A 342 -1.44 14.86 -12.33
CA PHE A 342 -1.28 14.18 -13.60
C PHE A 342 -2.30 13.04 -13.79
N LEU A 343 -2.48 12.26 -12.73
CA LEU A 343 -3.32 11.06 -12.81
C LEU A 343 -4.77 11.44 -13.00
N ALA A 344 -5.17 12.54 -12.37
CA ALA A 344 -6.56 12.96 -12.39
C ALA A 344 -6.86 13.85 -13.58
N GLU A 345 -5.85 14.48 -14.17
CA GLU A 345 -6.11 15.42 -15.27
C GLU A 345 -5.36 15.12 -16.58
N ASP A 346 -4.03 15.33 -16.60
CA ASP A 346 -3.22 15.16 -17.81
C ASP A 346 -3.38 13.79 -18.45
N ALA A 347 -3.40 12.75 -17.62
CA ALA A 347 -3.43 11.37 -18.10
C ALA A 347 -4.62 11.09 -19.02
N LEU A 348 -5.64 11.93 -18.94
CA LEU A 348 -6.83 11.79 -19.77
C LEU A 348 -6.63 12.36 -21.18
N ASN A 349 -5.45 12.90 -21.48
CA ASN A 349 -5.20 13.46 -22.81
C ASN A 349 -4.93 12.39 -23.87
N THR A 350 -5.37 12.67 -25.11
CA THR A 350 -4.93 11.88 -26.26
C THR A 350 -3.89 12.67 -27.05
C1 1N1 B . -10.62 -3.05 6.79
C2 1N1 B . -9.57 -4.00 7.11
C3 1N1 B . -8.56 -3.64 8.21
N6 1N1 B . -13.77 -11.30 0.03
C7 1N1 B . -5.98 -1.58 12.00
C8 1N1 B . -7.25 -2.08 12.32
C9 1N1 B . -8.17 -2.38 11.32
C10 1N1 B . -9.58 -2.95 11.70
C11 1N1 B . -11.11 -7.02 3.83
C12 1N1 B . -11.84 -7.73 2.90
C13 1N1 B . -11.36 -8.93 2.45
C14 1N1 B . -9.44 -8.67 3.84
C15 1N1 B . -8.14 -9.14 4.37
C16 1N1 B . -11.65 -10.95 1.13
C19 1N1 B . -13.54 -9.41 1.51
C20 1N1 B . -14.52 -11.93 -1.05
C21 1N1 B . -13.92 -11.61 -2.37
N 1N1 B . -11.63 -5.76 4.31
C 1N1 B . -10.97 -4.96 5.34
N1 1N1 B . -11.51 -3.68 5.67
S 1N1 B . -9.70 -5.26 6.22
N2 1N1 B . -8.79 -2.48 8.93
C4 1N1 B . -7.83 -2.14 10.01
C5 1N1 B . -6.57 -1.65 9.70
C6 1N1 B . -5.64 -1.35 10.70
CL 1N1 B . -6.15 -1.39 8.05
O 1N1 B . -7.58 -4.33 8.46
N3 1N1 B . -10.17 -9.41 2.89
N4 1N1 B . -9.92 -7.51 4.29
N5 1N1 B . -12.12 -9.64 1.46
C17 1N1 B . -12.34 -11.40 -0.15
C18 1N1 B . -14.21 -9.95 0.25
O1 1N1 B . -13.17 -12.78 -2.80
#